data_7V29
#
_entry.id   7V29
#
_cell.length_a   69.421
_cell.length_b   61.314
_cell.length_c   76.531
_cell.angle_alpha   90.000
_cell.angle_beta   112.050
_cell.angle_gamma   90.000
#
_symmetry.space_group_name_H-M   'P 1 21 1'
#
loop_
_entity.id
_entity.type
_entity.pdbx_description
1 polymer 'Fibroblast growth factor receptor 4'
2 non-polymer N-[2-[[3-(3,5-dimethoxyphenyl)-2-oxidanylidene-1-[3-(4-propanoylpiperazin-1-yl)propyl]-4H-pyrimido[4,5-d]pyrimidin-7-yl]amino]phenyl]propanamide
3 non-polymer 'SULFATE ION'
4 water water
#
_entity_poly.entity_id   1
_entity_poly.type   'polypeptide(L)'
_entity_poly.pdbx_seq_one_letter_code
;GPLLAGLVSLDLPLDPLWEFPRDRLVLGKPLGEGCFGQVVRAEAFGMDPARPDQASTVAVKMLKDNASDKDLADLVSEME
VMKLIGRHKNIINLLGVCTQEGPLYVIVECAAKGNLREFLRARRPPGPDLSPDGPRSSEGPLSFPVLVSCAYQVARGMQY
LESRKCIHRDLAARNVLVTEDNVMKIADFGLARGVHHIDYYKKTSNGRLPVKWMAPEALFDEVYTHQSDVWSFGILLWEI
FTLGGSPYPGIPVEELFSLLREGHRMDRPPHCPPELYGLMRECWHAAPSQRPTFKQLVEALDKVLLAVSEE
;
_entity_poly.pdbx_strand_id   B,A
#
# COMPACT_ATOMS: atom_id res chain seq x y z
N LEU A 12 -6.35 -26.41 34.72
CA LEU A 12 -7.57 -26.34 33.93
C LEU A 12 -8.47 -27.54 34.16
N PRO A 13 -9.78 -27.31 34.25
CA PRO A 13 -10.74 -28.39 34.48
C PRO A 13 -10.91 -29.26 33.24
N LEU A 14 -11.28 -30.52 33.46
CA LEU A 14 -11.56 -31.44 32.38
C LEU A 14 -13.00 -31.29 31.89
N ASP A 15 -13.15 -30.97 30.60
CA ASP A 15 -14.45 -30.83 29.97
C ASP A 15 -14.62 -31.91 28.89
N PRO A 16 -15.23 -33.05 29.26
CA PRO A 16 -15.23 -34.26 28.42
C PRO A 16 -15.93 -34.06 27.09
N LEU A 17 -16.76 -33.03 27.00
CA LEU A 17 -17.48 -32.76 25.76
C LEU A 17 -16.52 -32.27 24.68
N TRP A 18 -15.43 -31.66 25.11
CA TRP A 18 -14.50 -31.01 24.17
C TRP A 18 -13.08 -31.59 24.18
N GLU A 19 -12.73 -32.33 25.22
CA GLU A 19 -11.36 -32.81 25.37
C GLU A 19 -11.01 -33.82 24.27
N PHE A 20 -9.82 -33.65 23.68
CA PHE A 20 -9.31 -34.53 22.63
C PHE A 20 -7.88 -34.96 23.00
N PRO A 21 -7.58 -36.27 22.88
CA PRO A 21 -6.27 -36.81 23.23
C PRO A 21 -5.16 -36.17 22.39
N ARG A 22 -4.18 -35.52 23.03
CA ARG A 22 -3.16 -34.79 22.29
C ARG A 22 -2.32 -35.72 21.43
N ASP A 23 -2.27 -37.00 21.80
CA ASP A 23 -1.48 -37.97 21.04
C ASP A 23 -2.19 -38.39 19.74
N ARG A 24 -3.41 -37.91 19.53
CA ARG A 24 -4.12 -38.14 18.28
C ARG A 24 -3.87 -37.01 17.31
N LEU A 25 -3.01 -36.08 17.73
CA LEU A 25 -2.60 -34.96 16.91
C LEU A 25 -1.17 -35.12 16.44
N VAL A 26 -0.92 -34.81 15.17
CA VAL A 26 0.43 -34.73 14.65
C VAL A 26 0.63 -33.32 14.10
N LEU A 27 1.42 -32.52 14.81
CA LEU A 27 1.61 -31.11 14.47
C LEU A 27 2.44 -30.95 13.20
N GLY A 28 2.01 -30.04 12.33
CA GLY A 28 2.66 -29.80 11.05
C GLY A 28 2.82 -28.31 10.91
N LYS A 29 2.88 -27.81 9.67
CA LYS A 29 3.42 -26.51 9.32
C LYS A 29 2.72 -25.34 10.03
N PRO A 30 3.52 -24.39 10.50
CA PRO A 30 2.94 -23.19 11.12
C PRO A 30 2.17 -22.35 10.10
N LEU A 31 1.10 -21.70 10.54
CA LEU A 31 0.30 -20.89 9.63
C LEU A 31 0.49 -19.39 9.91
N GLY A 32 1.03 -19.05 11.08
CA GLY A 32 1.28 -17.66 11.44
C GLY A 32 1.13 -17.40 12.94
N GLU A 33 1.30 -16.13 13.33
CA GLU A 33 1.20 -15.77 14.76
C GLU A 33 0.67 -14.35 14.97
N GLY A 34 0.83 -13.85 16.19
CA GLY A 34 0.29 -12.56 16.59
C GLY A 34 -1.03 -12.81 17.30
N CYS A 35 -1.33 -14.04 17.64
CA CYS A 35 -2.67 -14.30 18.21
C CYS A 35 -2.62 -14.33 19.74
N PHE A 36 -1.44 -13.98 20.27
CA PHE A 36 -0.95 -14.14 21.68
C PHE A 36 -0.53 -15.62 21.87
N GLY A 37 -0.32 -16.30 20.75
CA GLY A 37 0.09 -17.69 20.66
C GLY A 37 0.53 -17.91 19.24
N GLN A 38 0.03 -18.97 18.66
CA GLN A 38 0.43 -19.36 17.31
C GLN A 38 -0.40 -20.50 16.76
N VAL A 39 -0.62 -20.48 15.45
CA VAL A 39 -1.50 -21.45 14.82
C VAL A 39 -0.73 -22.40 13.91
N VAL A 40 -1.02 -23.69 14.02
CA VAL A 40 -0.25 -24.70 13.32
C VAL A 40 -1.20 -25.68 12.62
N ARG A 41 -0.91 -26.01 11.36
CA ARG A 41 -1.66 -27.05 10.68
C ARG A 41 -1.35 -28.37 11.37
N ALA A 42 -2.32 -29.28 11.39
CA ALA A 42 -2.13 -30.57 12.05
C ALA A 42 -3.00 -31.64 11.42
N GLU A 43 -2.62 -32.90 11.58
CA GLU A 43 -3.57 -33.97 11.26
C GLU A 43 -4.12 -34.52 12.57
N ALA A 44 -5.41 -34.84 12.56
CA ALA A 44 -6.05 -35.43 13.73
C ALA A 44 -6.60 -36.79 13.34
N PHE A 45 -6.45 -37.76 14.24
CA PHE A 45 -6.97 -39.10 13.99
C PHE A 45 -8.15 -39.39 14.91
N GLY A 46 -9.30 -39.63 14.29
CA GLY A 46 -10.51 -39.97 15.03
C GLY A 46 -11.24 -38.75 15.57
N MET A 47 -11.11 -37.62 14.88
CA MET A 47 -11.85 -36.42 15.30
C MET A 47 -13.34 -36.78 15.31
N ASP A 48 -13.76 -37.53 14.28
CA ASP A 48 -15.04 -38.23 14.31
C ASP A 48 -14.88 -39.60 14.96
N PRO A 49 -15.43 -39.77 16.17
CA PRO A 49 -15.23 -40.98 16.98
C PRO A 49 -15.82 -42.24 16.34
N ALA A 50 -16.70 -42.08 15.36
CA ALA A 50 -17.24 -43.22 14.63
C ALA A 50 -16.15 -43.84 13.75
N ARG A 51 -15.12 -43.06 13.47
CA ARG A 51 -14.00 -43.52 12.65
C ARG A 51 -12.67 -43.16 13.31
N PRO A 52 -12.26 -43.95 14.31
CA PRO A 52 -11.15 -43.60 15.20
C PRO A 52 -9.80 -43.49 14.50
N ASP A 53 -9.62 -44.16 13.37
CA ASP A 53 -8.32 -44.18 12.71
C ASP A 53 -8.26 -43.29 11.46
N GLN A 54 -9.32 -42.55 11.20
CA GLN A 54 -9.36 -41.70 10.02
C GLN A 54 -8.68 -40.35 10.27
N ALA A 55 -7.91 -39.90 9.29
CA ALA A 55 -7.17 -38.65 9.44
C ALA A 55 -7.99 -37.47 8.91
N SER A 56 -7.83 -36.31 9.56
CA SER A 56 -8.38 -35.07 9.00
C SER A 56 -7.41 -33.93 9.26
N THR A 57 -7.47 -32.91 8.42
CA THR A 57 -6.59 -31.75 8.59
C THR A 57 -7.27 -30.70 9.44
N VAL A 58 -6.62 -30.28 10.51
CA VAL A 58 -7.15 -29.25 11.37
C VAL A 58 -6.14 -28.13 11.61
N ALA A 59 -6.56 -27.10 12.34
CA ALA A 59 -5.67 -26.04 12.79
C ALA A 59 -5.67 -26.02 14.31
N VAL A 60 -4.49 -25.90 14.89
CA VAL A 60 -4.33 -25.94 16.33
C VAL A 60 -3.71 -24.64 16.80
N LYS A 61 -4.36 -23.97 17.74
CA LYS A 61 -3.80 -22.75 18.32
C LYS A 61 -3.13 -23.10 19.64
N MET A 62 -1.98 -22.48 19.90
CA MET A 62 -1.19 -22.77 21.09
C MET A 62 -0.37 -21.55 21.48
N LEU A 63 0.14 -21.54 22.71
CA LEU A 63 0.95 -20.41 23.20
C LEU A 63 2.35 -20.37 22.59
N LYS A 64 2.94 -19.18 22.54
CA LYS A 64 4.36 -19.00 22.23
C LYS A 64 5.17 -19.76 23.27
N ASP A 65 6.38 -20.18 22.94
CA ASP A 65 7.16 -20.98 23.88
C ASP A 65 7.80 -20.10 24.95
N ASN A 66 7.67 -18.78 24.79
CA ASN A 66 8.08 -17.85 25.83
C ASN A 66 6.92 -16.95 26.25
N ALA A 67 5.72 -17.53 26.27
CA ALA A 67 4.53 -16.81 26.71
C ALA A 67 4.42 -16.83 28.22
N SER A 68 3.72 -15.86 28.79
CA SER A 68 3.46 -15.85 30.22
C SER A 68 1.98 -15.74 30.52
N ASP A 69 1.65 -15.71 31.82
CA ASP A 69 0.29 -15.93 32.30
C ASP A 69 -0.80 -15.09 31.64
N LYS A 70 -0.42 -13.96 31.08
CA LYS A 70 -1.39 -13.10 30.41
C LYS A 70 -1.82 -13.70 29.08
N ASP A 71 -0.87 -14.28 28.37
CA ASP A 71 -1.16 -14.93 27.09
C ASP A 71 -2.02 -16.18 27.31
N LEU A 72 -1.77 -16.88 28.41
CA LEU A 72 -2.51 -18.10 28.73
C LEU A 72 -3.96 -17.80 29.08
N ALA A 73 -4.18 -16.81 29.95
CA ALA A 73 -5.51 -16.35 30.30
C ALA A 73 -6.33 -16.00 29.06
N ASP A 74 -5.70 -15.33 28.12
CA ASP A 74 -6.34 -14.95 26.86
C ASP A 74 -6.70 -16.15 26.01
N LEU A 75 -5.82 -17.14 25.96
CA LEU A 75 -6.09 -18.33 25.15
C LEU A 75 -7.20 -19.16 25.76
N VAL A 76 -7.18 -19.29 27.10
CA VAL A 76 -8.27 -19.95 27.80
C VAL A 76 -9.60 -19.23 27.55
N SER A 77 -9.55 -17.89 27.58
CA SER A 77 -10.71 -17.07 27.33
C SER A 77 -11.31 -17.25 25.94
N GLU A 78 -10.47 -17.24 24.91
CA GLU A 78 -10.94 -17.44 23.54
C GLU A 78 -11.52 -18.85 23.38
N MET A 79 -10.89 -19.82 24.05
CA MET A 79 -11.39 -21.21 24.05
C MET A 79 -12.81 -21.24 24.58
N GLU A 80 -13.00 -20.63 25.75
CA GLU A 80 -14.29 -20.69 26.42
C GLU A 80 -15.35 -19.93 25.63
N VAL A 81 -14.93 -18.89 24.91
CA VAL A 81 -15.85 -18.16 24.04
C VAL A 81 -16.32 -19.06 22.90
N MET A 82 -15.39 -19.78 22.30
CA MET A 82 -15.73 -20.62 21.17
C MET A 82 -16.56 -21.82 21.58
N LYS A 83 -16.39 -22.29 22.81
CA LYS A 83 -17.29 -23.31 23.36
C LYS A 83 -18.72 -22.81 23.39
N LEU A 84 -18.89 -21.55 23.76
CA LEU A 84 -20.20 -20.96 23.97
C LEU A 84 -20.94 -20.62 22.70
N ILE A 85 -20.25 -20.06 21.72
CA ILE A 85 -20.93 -19.54 20.54
C ILE A 85 -21.53 -20.67 19.69
N GLY A 86 -21.01 -21.88 19.86
CA GLY A 86 -21.58 -23.03 19.19
C GLY A 86 -21.21 -23.09 17.72
N ARG A 87 -21.88 -23.95 16.97
CA ARG A 87 -21.43 -24.25 15.60
C ARG A 87 -22.28 -23.61 14.50
N HIS A 88 -21.61 -23.12 13.47
CA HIS A 88 -22.27 -22.54 12.30
C HIS A 88 -21.40 -22.73 11.05
N LYS A 89 -22.08 -22.92 9.92
CA LYS A 89 -21.43 -23.08 8.63
C LYS A 89 -20.44 -21.98 8.29
N ASN A 90 -20.78 -20.74 8.65
CA ASN A 90 -20.01 -19.58 8.20
C ASN A 90 -19.15 -18.94 9.28
N ILE A 91 -18.72 -19.74 10.25
CA ILE A 91 -17.67 -19.34 11.19
C ILE A 91 -16.65 -20.46 11.33
N ILE A 92 -15.45 -20.13 11.78
CA ILE A 92 -14.48 -21.16 12.11
C ILE A 92 -14.96 -21.84 13.39
N ASN A 93 -15.19 -23.15 13.33
CA ASN A 93 -15.78 -23.87 14.45
C ASN A 93 -14.76 -24.58 15.32
N LEU A 94 -15.01 -24.55 16.63
CA LEU A 94 -14.20 -25.31 17.58
C LEU A 94 -14.42 -26.81 17.38
N LEU A 95 -13.33 -27.59 17.36
CA LEU A 95 -13.43 -29.03 17.18
C LEU A 95 -13.07 -29.81 18.46
N GLY A 96 -12.17 -29.24 19.25
CA GLY A 96 -11.70 -29.92 20.45
C GLY A 96 -10.60 -29.12 21.13
N VAL A 97 -10.20 -29.57 22.31
CA VAL A 97 -9.18 -28.88 23.09
C VAL A 97 -8.26 -29.88 23.78
N CYS A 98 -7.03 -29.49 24.07
CA CYS A 98 -6.15 -30.34 24.86
C CYS A 98 -5.71 -29.52 26.05
N THR A 99 -6.21 -29.87 27.23
CA THR A 99 -6.02 -29.05 28.42
C THR A 99 -5.31 -29.83 29.53
N GLN A 100 -5.27 -31.15 29.38
CA GLN A 100 -4.76 -32.04 30.42
C GLN A 100 -3.38 -32.60 30.08
N GLU A 101 -2.51 -32.67 31.09
CA GLU A 101 -1.20 -33.30 30.98
C GLU A 101 -0.38 -32.86 29.76
N GLY A 102 -0.20 -31.56 29.62
CA GLY A 102 0.56 -31.03 28.52
C GLY A 102 0.09 -29.63 28.17
N PRO A 103 0.74 -29.00 27.19
CA PRO A 103 0.42 -27.63 26.81
C PRO A 103 -1.01 -27.49 26.29
N LEU A 104 -1.54 -26.27 26.39
CA LEU A 104 -2.90 -25.97 25.96
C LEU A 104 -3.00 -25.90 24.44
N TYR A 105 -3.83 -26.77 23.87
CA TYR A 105 -4.12 -26.74 22.44
C TYR A 105 -5.60 -26.45 22.21
N VAL A 106 -5.89 -25.57 21.27
CA VAL A 106 -7.25 -25.30 20.86
C VAL A 106 -7.39 -25.70 19.40
N ILE A 107 -8.21 -26.70 19.15
CA ILE A 107 -8.33 -27.32 17.84
C ILE A 107 -9.55 -26.80 17.10
N VAL A 108 -9.32 -26.22 15.92
CA VAL A 108 -10.41 -25.66 15.13
C VAL A 108 -10.32 -26.12 13.66
N GLU A 109 -11.37 -25.83 12.90
CA GLU A 109 -11.42 -26.17 11.48
C GLU A 109 -10.29 -25.49 10.69
N CYS A 110 -9.79 -26.19 9.69
CA CYS A 110 -8.77 -25.64 8.81
C CYS A 110 -9.39 -25.37 7.44
N ALA A 111 -9.32 -24.13 6.99
CA ALA A 111 -9.88 -23.75 5.68
C ALA A 111 -8.81 -23.81 4.61
N ALA A 112 -9.07 -24.61 3.58
CA ALA A 112 -8.05 -24.94 2.59
C ALA A 112 -7.52 -23.77 1.76
N LYS A 113 -8.33 -22.74 1.53
CA LYS A 113 -7.90 -21.70 0.58
C LYS A 113 -7.35 -20.40 1.22
N GLY A 114 -7.17 -20.38 2.54
CA GLY A 114 -6.57 -19.21 3.19
C GLY A 114 -7.58 -18.11 3.43
N ASN A 115 -7.13 -16.87 3.61
CA ASN A 115 -8.07 -15.80 3.90
C ASN A 115 -8.65 -15.16 2.64
N LEU A 116 -9.80 -14.53 2.79
CA LEU A 116 -10.57 -13.99 1.67
C LEU A 116 -9.83 -12.90 0.89
N ARG A 117 -9.03 -12.09 1.58
CA ARG A 117 -8.31 -11.04 0.89
C ARG A 117 -7.34 -11.64 -0.12
N GLU A 118 -6.52 -12.59 0.33
CA GLU A 118 -5.57 -13.22 -0.59
C GLU A 118 -6.28 -14.08 -1.63
N PHE A 119 -7.36 -14.76 -1.24
CA PHE A 119 -8.21 -15.50 -2.17
C PHE A 119 -8.60 -14.63 -3.36
N LEU A 120 -9.12 -13.44 -3.06
CA LEU A 120 -9.57 -12.51 -4.09
C LEU A 120 -8.46 -11.91 -4.92
N ARG A 121 -7.37 -11.50 -4.27
CA ARG A 121 -6.26 -10.85 -4.95
C ARG A 121 -5.55 -11.79 -5.92
N ALA A 122 -5.52 -13.08 -5.59
CA ALA A 122 -4.90 -14.07 -6.43
C ALA A 122 -5.77 -14.39 -7.63
N ARG A 123 -7.02 -13.94 -7.60
CA ARG A 123 -7.98 -14.29 -8.66
C ARG A 123 -8.46 -13.08 -9.47
N ARG A 124 -7.66 -12.04 -9.49
CA ARG A 124 -7.94 -10.86 -10.30
C ARG A 124 -7.81 -11.20 -11.80
N PRO A 125 -8.80 -10.79 -12.61
CA PRO A 125 -8.93 -11.15 -14.02
C PRO A 125 -7.81 -10.59 -14.89
N PRO A 126 -7.68 -11.11 -16.13
CA PRO A 126 -6.73 -10.57 -17.10
C PRO A 126 -7.00 -9.09 -17.41
N GLY A 127 -5.97 -8.26 -17.29
CA GLY A 127 -6.10 -6.84 -17.55
C GLY A 127 -6.30 -6.55 -19.03
N PRO A 135 -11.74 -18.12 -26.40
CA PRO A 135 -13.03 -18.64 -25.93
C PRO A 135 -13.42 -18.07 -24.56
N ARG A 136 -12.62 -18.39 -23.54
CA ARG A 136 -12.81 -17.82 -22.20
C ARG A 136 -11.64 -16.92 -21.84
N SER A 137 -11.11 -16.23 -22.84
CA SER A 137 -9.88 -15.46 -22.68
C SER A 137 -10.02 -14.26 -21.74
N SER A 138 -11.23 -13.71 -21.62
CA SER A 138 -11.46 -12.64 -20.66
C SER A 138 -12.47 -13.05 -19.59
N GLU A 139 -12.53 -14.35 -19.31
CA GLU A 139 -13.38 -14.87 -18.25
C GLU A 139 -12.50 -15.28 -17.06
N GLY A 140 -12.38 -14.39 -16.08
CA GLY A 140 -11.61 -14.67 -14.88
C GLY A 140 -12.33 -15.62 -13.94
N PRO A 141 -11.63 -16.10 -12.92
CA PRO A 141 -12.19 -17.09 -12.00
C PRO A 141 -13.39 -16.56 -11.20
N LEU A 142 -13.40 -15.26 -10.90
CA LEU A 142 -14.44 -14.69 -10.05
C LEU A 142 -15.57 -14.06 -10.86
N SER A 143 -16.80 -14.45 -10.53
CA SER A 143 -17.99 -13.92 -11.20
C SER A 143 -18.81 -13.10 -10.21
N PHE A 144 -19.70 -12.23 -10.70
CA PHE A 144 -20.52 -11.40 -9.81
C PHE A 144 -21.35 -12.24 -8.81
N PRO A 145 -22.05 -13.30 -9.27
CA PRO A 145 -22.85 -14.06 -8.29
C PRO A 145 -22.03 -14.75 -7.18
N VAL A 146 -20.80 -15.14 -7.48
CA VAL A 146 -19.95 -15.75 -6.45
C VAL A 146 -19.44 -14.67 -5.48
N LEU A 147 -19.16 -13.48 -5.99
CA LEU A 147 -18.77 -12.35 -5.12
C LEU A 147 -19.91 -11.99 -4.16
N VAL A 148 -21.13 -11.93 -4.69
CA VAL A 148 -22.30 -11.65 -3.84
C VAL A 148 -22.53 -12.78 -2.84
N SER A 149 -22.25 -14.02 -3.27
CA SER A 149 -22.38 -15.16 -2.37
C SER A 149 -21.41 -15.05 -1.21
N CYS A 150 -20.20 -14.59 -1.52
CA CYS A 150 -19.16 -14.39 -0.49
C CYS A 150 -19.65 -13.43 0.58
N ALA A 151 -20.22 -12.31 0.12
CA ALA A 151 -20.74 -11.30 1.03
C ALA A 151 -21.95 -11.83 1.79
N TYR A 152 -22.83 -12.51 1.09
CA TYR A 152 -24.03 -13.07 1.71
C TYR A 152 -23.64 -14.05 2.84
N GLN A 153 -22.64 -14.87 2.60
CA GLN A 153 -22.19 -15.83 3.60
C GLN A 153 -21.58 -15.14 4.82
N VAL A 154 -20.76 -14.12 4.59
CA VAL A 154 -20.19 -13.39 5.71
C VAL A 154 -21.32 -12.78 6.56
N ALA A 155 -22.33 -12.22 5.88
CA ALA A 155 -23.45 -11.60 6.60
C ALA A 155 -24.23 -12.64 7.41
N ARG A 156 -24.39 -13.84 6.85
CA ARG A 156 -25.05 -14.95 7.54
C ARG A 156 -24.32 -15.34 8.82
N GLY A 157 -23.00 -15.46 8.72
CA GLY A 157 -22.17 -15.78 9.88
C GLY A 157 -22.20 -14.70 10.93
N MET A 158 -22.20 -13.45 10.49
CA MET A 158 -22.23 -12.34 11.44
C MET A 158 -23.56 -12.29 12.15
N GLN A 159 -24.62 -12.60 11.41
CA GLN A 159 -25.96 -12.70 11.98
C GLN A 159 -25.99 -13.79 13.04
N TYR A 160 -25.36 -14.91 12.77
CA TYR A 160 -25.26 -15.96 13.77
C TYR A 160 -24.47 -15.47 14.97
N LEU A 161 -23.30 -14.88 14.73
CA LEU A 161 -22.48 -14.37 15.82
C LEU A 161 -23.26 -13.35 16.65
N GLU A 162 -24.01 -12.47 15.99
CA GLU A 162 -24.83 -11.51 16.72
C GLU A 162 -25.87 -12.20 17.62
N SER A 163 -26.53 -13.24 17.09
CA SER A 163 -27.53 -13.98 17.87
C SER A 163 -26.90 -14.73 19.06
N ARG A 164 -25.58 -14.83 19.08
CA ARG A 164 -24.87 -15.46 20.20
C ARG A 164 -24.14 -14.41 21.04
N LYS A 165 -24.60 -13.16 20.95
CA LYS A 165 -24.06 -12.05 21.77
C LYS A 165 -22.57 -11.76 21.53
N CYS A 166 -22.09 -12.05 20.33
CA CYS A 166 -20.67 -11.86 20.01
C CYS A 166 -20.47 -10.64 19.11
N ILE A 167 -19.74 -9.65 19.60
CA ILE A 167 -19.30 -8.54 18.76
C ILE A 167 -17.89 -8.85 18.29
N HIS A 168 -17.67 -8.80 16.98
CA HIS A 168 -16.39 -9.24 16.45
C HIS A 168 -15.26 -8.26 16.78
N ARG A 169 -15.48 -6.99 16.43
CA ARG A 169 -14.59 -5.84 16.70
C ARG A 169 -13.44 -5.66 15.71
N ASP A 170 -13.20 -6.64 14.84
CA ASP A 170 -12.21 -6.46 13.77
C ASP A 170 -12.54 -6.82 12.34
N LEU A 171 -13.83 -7.03 12.06
CA LEU A 171 -14.30 -7.72 10.86
C LEU A 171 -13.64 -7.15 9.62
N ALA A 172 -12.90 -8.00 8.91
CA ALA A 172 -12.18 -7.60 7.71
C ALA A 172 -11.98 -8.83 6.85
N ALA A 173 -11.75 -8.64 5.55
CA ALA A 173 -11.56 -9.75 4.64
C ALA A 173 -10.42 -10.69 5.10
N ARG A 174 -9.39 -10.12 5.71
CA ARG A 174 -8.29 -10.94 6.21
C ARG A 174 -8.70 -11.83 7.38
N ASN A 175 -9.84 -11.52 7.99
CA ASN A 175 -10.38 -12.33 9.08
C ASN A 175 -11.55 -13.19 8.62
N VAL A 176 -11.61 -13.41 7.32
CA VAL A 176 -12.54 -14.37 6.74
C VAL A 176 -11.75 -15.46 6.03
N LEU A 177 -11.97 -16.71 6.41
CA LEU A 177 -11.24 -17.81 5.79
C LEU A 177 -12.12 -18.53 4.74
N VAL A 178 -11.47 -19.13 3.75
CA VAL A 178 -12.19 -19.74 2.64
C VAL A 178 -11.87 -21.25 2.52
N THR A 179 -12.93 -22.06 2.57
CA THR A 179 -12.79 -23.51 2.52
C THR A 179 -12.61 -24.00 1.09
N GLU A 180 -12.35 -25.29 0.94
CA GLU A 180 -12.17 -25.87 -0.38
C GLU A 180 -13.41 -25.65 -1.27
N ASP A 181 -14.59 -25.69 -0.65
CA ASP A 181 -15.84 -25.48 -1.39
C ASP A 181 -16.26 -24.00 -1.44
N ASN A 182 -15.30 -23.11 -1.18
CA ASN A 182 -15.54 -21.67 -1.20
C ASN A 182 -16.61 -21.20 -0.23
N VAL A 183 -16.69 -21.87 0.92
CA VAL A 183 -17.53 -21.40 2.01
C VAL A 183 -16.73 -20.42 2.85
N MET A 184 -17.31 -19.26 3.12
CA MET A 184 -16.71 -18.22 3.96
C MET A 184 -16.80 -18.60 5.42
N LYS A 185 -15.68 -18.52 6.14
CA LYS A 185 -15.72 -18.76 7.58
C LYS A 185 -15.05 -17.61 8.35
N ILE A 186 -15.86 -16.91 9.13
CA ILE A 186 -15.38 -15.81 9.95
C ILE A 186 -14.45 -16.30 11.04
N ALA A 187 -13.28 -15.68 11.12
CA ALA A 187 -12.26 -16.06 12.07
C ALA A 187 -12.02 -14.96 13.09
N ASP A 188 -11.32 -15.33 14.17
CA ASP A 188 -10.82 -14.39 15.16
C ASP A 188 -11.89 -13.52 15.80
N PHE A 189 -13.02 -14.14 16.14
CA PHE A 189 -14.12 -13.41 16.77
C PHE A 189 -14.11 -13.55 18.29
N GLY A 190 -13.24 -14.41 18.82
CA GLY A 190 -13.19 -14.63 20.26
C GLY A 190 -11.96 -14.05 20.93
N LEU A 191 -11.38 -13.02 20.33
CA LEU A 191 -10.12 -12.45 20.81
C LEU A 191 -10.29 -11.18 21.66
N ALA A 192 -9.42 -11.02 22.65
CA ALA A 192 -9.31 -9.77 23.38
C ALA A 192 -8.57 -8.75 22.52
N ARG A 193 -9.24 -7.65 22.19
CA ARG A 193 -8.71 -6.71 21.22
C ARG A 193 -7.82 -5.62 21.82
N GLY A 194 -7.94 -5.40 23.14
CA GLY A 194 -7.24 -4.30 23.74
C GLY A 194 -7.83 -2.99 23.25
N VAL A 195 -9.14 -2.85 23.47
CA VAL A 195 -9.91 -1.72 23.00
C VAL A 195 -9.33 -0.37 23.42
N HIS A 196 -8.75 -0.31 24.61
CA HIS A 196 -8.38 0.96 25.21
C HIS A 196 -6.91 1.35 25.03
N HIS A 197 -6.21 0.61 24.17
CA HIS A 197 -4.78 0.89 23.87
C HIS A 197 -4.41 0.49 22.44
N ILE A 198 -5.23 0.86 21.49
CA ILE A 198 -4.91 0.63 20.09
C ILE A 198 -4.02 1.73 19.51
N ASP A 199 -2.86 1.35 19.00
CA ASP A 199 -2.03 2.29 18.24
C ASP A 199 -2.59 2.42 16.84
N TYR A 200 -3.34 3.49 16.58
CA TYR A 200 -4.01 3.64 15.29
C TYR A 200 -3.03 3.73 14.12
N TYR A 201 -1.79 4.12 14.39
CA TYR A 201 -0.79 4.30 13.34
C TYR A 201 0.03 3.06 13.00
N LYS A 202 -0.09 2.00 13.79
CA LYS A 202 0.80 0.85 13.66
C LYS A 202 0.26 -0.26 12.77
N LYS A 203 0.98 -0.55 11.69
CA LYS A 203 0.65 -1.67 10.82
C LYS A 203 0.85 -3.00 11.54
N THR A 204 -0.03 -3.96 11.25
CA THR A 204 0.06 -5.28 11.85
C THR A 204 0.99 -6.20 11.10
N SER A 205 0.81 -7.49 11.26
CA SER A 205 1.61 -8.42 10.54
C SER A 205 1.53 -8.31 9.04
N ASN A 206 0.47 -7.78 8.44
CA ASN A 206 0.33 -7.70 7.00
C ASN A 206 0.77 -6.37 6.42
N GLY A 207 1.06 -5.43 7.30
CA GLY A 207 1.15 -4.05 6.89
C GLY A 207 -0.27 -3.53 6.82
N ARG A 208 -1.16 -4.24 7.52
CA ARG A 208 -2.56 -3.83 7.58
C ARG A 208 -2.77 -2.83 8.72
N LEU A 209 -3.63 -1.85 8.46
CA LEU A 209 -4.02 -0.86 9.46
C LEU A 209 -5.48 -1.05 9.86
N PRO A 210 -5.73 -1.77 10.98
CA PRO A 210 -7.09 -2.11 11.39
C PRO A 210 -7.97 -0.89 11.68
N VAL A 211 -7.36 0.29 11.87
CA VAL A 211 -8.17 1.49 12.10
C VAL A 211 -9.11 1.75 10.91
N LYS A 212 -8.71 1.30 9.72
CA LYS A 212 -9.52 1.56 8.53
C LYS A 212 -10.82 0.75 8.51
N TRP A 213 -10.98 -0.15 9.49
CA TRP A 213 -12.22 -0.93 9.59
C TRP A 213 -13.08 -0.51 10.79
N MET A 214 -12.58 0.45 11.58
CA MET A 214 -13.28 0.84 12.80
C MET A 214 -14.44 1.81 12.54
N ALA A 215 -15.57 1.51 13.14
CA ALA A 215 -16.72 2.41 13.12
C ALA A 215 -16.35 3.71 13.84
N PRO A 216 -16.98 4.84 13.47
CA PRO A 216 -16.69 6.12 14.10
C PRO A 216 -16.87 6.03 15.62
N GLU A 217 -17.91 5.36 16.10
CA GLU A 217 -18.17 5.29 17.56
C GLU A 217 -17.05 4.53 18.28
N ALA A 218 -16.47 3.52 17.65
CA ALA A 218 -15.38 2.74 18.24
C ALA A 218 -14.10 3.56 18.17
N LEU A 219 -13.92 4.21 17.06
CA LEU A 219 -12.68 4.98 16.86
C LEU A 219 -12.64 6.22 17.76
N PHE A 220 -13.71 7.00 17.75
CA PHE A 220 -13.70 8.26 18.48
C PHE A 220 -14.17 8.11 19.94
N ASP A 221 -15.08 7.17 20.19
CA ASP A 221 -15.70 7.08 21.51
C ASP A 221 -15.45 5.73 22.21
N GLU A 222 -14.65 4.88 21.58
CA GLU A 222 -14.33 3.54 22.12
C GLU A 222 -15.59 2.70 22.40
N VAL A 223 -16.64 2.93 21.62
CA VAL A 223 -17.91 2.23 21.78
C VAL A 223 -18.09 1.14 20.74
N TYR A 224 -18.26 -0.10 21.17
CA TYR A 224 -18.51 -1.21 20.24
C TYR A 224 -19.89 -1.81 20.45
N THR A 225 -20.65 -1.88 19.35
CA THR A 225 -21.90 -2.65 19.31
C THR A 225 -21.93 -3.52 18.08
N HIS A 226 -23.02 -4.26 17.91
CA HIS A 226 -23.21 -5.05 16.69
C HIS A 226 -23.31 -4.14 15.46
N GLN A 227 -23.78 -2.91 15.68
CA GLN A 227 -23.86 -1.94 14.60
C GLN A 227 -22.47 -1.45 14.20
N SER A 228 -21.54 -1.45 15.15
CA SER A 228 -20.14 -1.16 14.84
C SER A 228 -19.60 -2.19 13.85
N ASP A 229 -20.00 -3.44 14.04
CA ASP A 229 -19.60 -4.51 13.13
C ASP A 229 -20.23 -4.34 11.74
N VAL A 230 -21.42 -3.76 11.67
CA VAL A 230 -22.09 -3.53 10.37
C VAL A 230 -21.26 -2.56 9.52
N TRP A 231 -20.74 -1.52 10.17
CA TRP A 231 -19.83 -0.59 9.52
C TRP A 231 -18.65 -1.35 8.90
N SER A 232 -18.05 -2.21 9.72
CA SER A 232 -16.92 -3.01 9.26
C SER A 232 -17.31 -3.92 8.09
N PHE A 233 -18.51 -4.48 8.15
CA PHE A 233 -19.03 -5.27 7.04
C PHE A 233 -19.09 -4.47 5.74
N GLY A 234 -19.45 -3.19 5.82
CA GLY A 234 -19.49 -2.36 4.63
C GLY A 234 -18.10 -2.14 4.04
N ILE A 235 -17.10 -2.00 4.91
CA ILE A 235 -15.72 -1.94 4.44
C ILE A 235 -15.36 -3.29 3.78
N LEU A 236 -15.80 -4.38 4.39
CA LEU A 236 -15.50 -5.71 3.88
C LEU A 236 -16.19 -5.89 2.53
N LEU A 237 -17.39 -5.34 2.38
CA LEU A 237 -18.09 -5.31 1.10
C LEU A 237 -17.26 -4.64 0.01
N TRP A 238 -16.65 -3.51 0.38
CA TRP A 238 -15.81 -2.75 -0.53
C TRP A 238 -14.58 -3.57 -0.94
N GLU A 239 -13.99 -4.29 0.01
CA GLU A 239 -12.86 -5.16 -0.28
C GLU A 239 -13.24 -6.25 -1.28
N ILE A 240 -14.42 -6.83 -1.10
CA ILE A 240 -14.86 -7.90 -1.98
C ILE A 240 -14.98 -7.38 -3.42
N PHE A 241 -15.60 -6.22 -3.61
CA PHE A 241 -15.89 -5.80 -4.98
C PHE A 241 -14.78 -4.99 -5.61
N THR A 242 -13.69 -4.79 -4.87
CA THR A 242 -12.43 -4.33 -5.44
C THR A 242 -11.47 -5.52 -5.54
N LEU A 243 -12.02 -6.73 -5.34
CA LEU A 243 -11.26 -7.97 -5.38
C LEU A 243 -10.03 -7.92 -4.48
N GLY A 244 -10.24 -7.56 -3.22
CA GLY A 244 -9.14 -7.53 -2.25
C GLY A 244 -8.35 -6.22 -2.19
N GLY A 245 -9.00 -5.11 -2.50
CA GLY A 245 -8.34 -3.81 -2.46
C GLY A 245 -8.12 -3.30 -1.05
N SER A 246 -7.24 -2.32 -0.90
CA SER A 246 -6.99 -1.69 0.39
C SER A 246 -7.91 -0.51 0.61
N PRO A 247 -8.69 -0.53 1.69
CA PRO A 247 -9.61 0.59 1.98
C PRO A 247 -8.87 1.92 2.10
N TYR A 248 -9.59 2.99 1.74
CA TYR A 248 -9.06 4.34 1.68
C TYR A 248 -7.69 4.35 1.01
N PRO A 249 -7.66 3.95 -0.27
CA PRO A 249 -6.41 3.73 -1.01
C PRO A 249 -5.52 4.97 -1.00
N GLY A 250 -4.29 4.81 -0.49
CA GLY A 250 -3.30 5.87 -0.54
C GLY A 250 -3.45 6.93 0.53
N ILE A 251 -4.38 6.72 1.46
CA ILE A 251 -4.69 7.71 2.47
C ILE A 251 -4.02 7.38 3.81
N PRO A 252 -3.08 8.20 4.24
CA PRO A 252 -2.43 8.02 5.54
C PRO A 252 -3.44 8.16 6.68
N VAL A 253 -3.19 7.44 7.78
CA VAL A 253 -4.06 7.45 8.96
C VAL A 253 -4.40 8.87 9.44
N GLU A 254 -3.44 9.79 9.36
CA GLU A 254 -3.65 11.16 9.84
C GLU A 254 -4.78 11.84 9.06
N GLU A 255 -4.78 11.61 7.75
CA GLU A 255 -5.81 12.14 6.88
C GLU A 255 -7.15 11.42 7.10
N LEU A 256 -7.10 10.11 7.40
CA LEU A 256 -8.31 9.33 7.65
C LEU A 256 -9.13 9.91 8.81
N PHE A 257 -8.43 10.31 9.88
CA PHE A 257 -9.08 10.98 11.01
C PHE A 257 -9.90 12.19 10.53
N SER A 258 -9.27 13.06 9.76
CA SER A 258 -9.90 14.28 9.25
C SER A 258 -11.09 13.99 8.33
N LEU A 259 -10.87 13.08 7.38
CA LEU A 259 -11.91 12.70 6.43
C LEU A 259 -13.14 12.18 7.17
N LEU A 260 -12.92 11.38 8.21
CA LEU A 260 -14.04 10.81 8.93
C LEU A 260 -14.78 11.88 9.75
N ARG A 261 -14.04 12.85 10.29
CA ARG A 261 -14.69 13.95 11.01
C ARG A 261 -15.50 14.79 10.04
N GLU A 262 -15.03 14.90 8.81
CA GLU A 262 -15.72 15.65 7.77
C GLU A 262 -16.87 14.88 7.13
N GLY A 263 -17.01 13.60 7.47
CA GLY A 263 -18.12 12.79 6.99
C GLY A 263 -17.88 12.17 5.63
N HIS A 264 -16.64 12.19 5.19
CA HIS A 264 -16.28 11.62 3.90
C HIS A 264 -16.32 10.09 3.94
N ARG A 265 -16.56 9.51 2.75
CA ARG A 265 -16.69 8.07 2.57
C ARG A 265 -15.92 7.65 1.32
N MET A 266 -15.61 6.36 1.19
CA MET A 266 -14.97 5.86 -0.02
C MET A 266 -15.87 5.99 -1.25
N ASP A 267 -15.24 6.22 -2.41
CA ASP A 267 -15.91 6.24 -3.69
C ASP A 267 -16.46 4.88 -4.11
N ARG A 268 -17.43 4.90 -5.00
CA ARG A 268 -17.93 3.68 -5.61
C ARG A 268 -16.82 3.06 -6.46
N PRO A 269 -16.53 1.78 -6.21
CA PRO A 269 -15.45 1.08 -6.96
C PRO A 269 -15.86 0.73 -8.39
N PRO A 270 -14.87 0.68 -9.31
CA PRO A 270 -15.17 0.29 -10.68
C PRO A 270 -15.79 -1.11 -10.75
N HIS A 271 -16.64 -1.33 -11.75
CA HIS A 271 -17.28 -2.62 -11.96
C HIS A 271 -18.08 -3.06 -10.73
N CYS A 272 -18.75 -2.12 -10.09
CA CYS A 272 -19.56 -2.42 -8.92
C CYS A 272 -20.95 -1.81 -9.09
N PRO A 273 -21.99 -2.66 -9.05
CA PRO A 273 -23.35 -2.20 -9.29
C PRO A 273 -23.83 -1.24 -8.20
N PRO A 274 -24.75 -0.33 -8.55
CA PRO A 274 -25.18 0.71 -7.60
C PRO A 274 -25.90 0.11 -6.39
N GLU A 275 -26.56 -1.03 -6.57
CA GLU A 275 -27.20 -1.73 -5.46
C GLU A 275 -26.18 -2.02 -4.35
N LEU A 276 -24.98 -2.44 -4.72
CA LEU A 276 -24.02 -2.81 -3.70
C LEU A 276 -23.26 -1.61 -3.13
N TYR A 277 -22.99 -0.60 -3.94
CA TYR A 277 -22.43 0.62 -3.36
C TYR A 277 -23.46 1.26 -2.45
N GLY A 278 -24.73 1.15 -2.83
CA GLY A 278 -25.81 1.63 -1.98
C GLY A 278 -25.73 1.01 -0.59
N LEU A 279 -25.63 -0.31 -0.57
CA LEU A 279 -25.49 -1.07 0.67
C LEU A 279 -24.28 -0.66 1.50
N MET A 280 -23.14 -0.42 0.84
CA MET A 280 -21.94 0.04 1.52
C MET A 280 -22.23 1.34 2.24
N ARG A 281 -22.87 2.27 1.54
CA ARG A 281 -23.10 3.60 2.07
C ARG A 281 -24.06 3.55 3.25
N GLU A 282 -25.05 2.66 3.20
CA GLU A 282 -25.94 2.49 4.33
C GLU A 282 -25.17 1.99 5.56
N CYS A 283 -24.28 1.03 5.34
CA CYS A 283 -23.43 0.50 6.43
C CYS A 283 -22.53 1.57 7.04
N TRP A 284 -22.18 2.59 6.27
CA TRP A 284 -21.33 3.68 6.76
C TRP A 284 -22.10 4.91 7.20
N HIS A 285 -23.40 4.77 7.46
CA HIS A 285 -24.15 5.90 8.02
C HIS A 285 -23.51 6.25 9.36
N ALA A 286 -23.38 7.54 9.63
CA ALA A 286 -22.67 7.99 10.82
C ALA A 286 -23.32 7.44 12.08
N ALA A 287 -24.65 7.45 12.09
CA ALA A 287 -25.40 6.95 13.24
C ALA A 287 -25.59 5.44 13.13
N PRO A 288 -25.19 4.70 14.18
CA PRO A 288 -25.31 3.24 14.19
C PRO A 288 -26.75 2.81 14.06
N SER A 289 -27.66 3.64 14.57
CA SER A 289 -29.08 3.31 14.54
C SER A 289 -29.67 3.48 13.15
N GLN A 290 -28.90 4.06 12.25
CA GLN A 290 -29.38 4.27 10.87
C GLN A 290 -28.65 3.39 9.87
N ARG A 291 -27.86 2.44 10.37
CA ARG A 291 -27.25 1.41 9.54
C ARG A 291 -28.19 0.21 9.52
N PRO A 292 -28.14 -0.59 8.44
CA PRO A 292 -28.88 -1.86 8.43
C PRO A 292 -28.44 -2.80 9.55
N THR A 293 -29.34 -3.67 9.98
CA THR A 293 -28.97 -4.80 10.83
C THR A 293 -28.41 -5.92 9.94
N PHE A 294 -27.78 -6.92 10.55
CA PHE A 294 -27.25 -8.03 9.76
C PHE A 294 -28.38 -8.85 9.13
N LYS A 295 -29.52 -8.94 9.83
CA LYS A 295 -30.69 -9.59 9.28
C LYS A 295 -31.12 -8.92 7.97
N GLN A 296 -31.15 -7.60 7.98
CA GLN A 296 -31.50 -6.82 6.79
C GLN A 296 -30.46 -6.99 5.68
N LEU A 297 -29.19 -7.00 6.07
CA LEU A 297 -28.13 -7.21 5.09
C LEU A 297 -28.28 -8.57 4.45
N VAL A 298 -28.58 -9.57 5.27
CA VAL A 298 -28.73 -10.95 4.80
C VAL A 298 -29.87 -11.05 3.78
N GLU A 299 -30.98 -10.39 4.08
CA GLU A 299 -32.14 -10.37 3.19
C GLU A 299 -31.86 -9.61 1.90
N ALA A 300 -31.23 -8.45 2.03
CA ALA A 300 -30.92 -7.61 0.88
C ALA A 300 -29.93 -8.31 -0.07
N LEU A 301 -28.92 -8.96 0.50
CA LEU A 301 -27.96 -9.71 -0.32
C LEU A 301 -28.62 -10.94 -0.92
N ASP A 302 -29.47 -11.60 -0.15
CA ASP A 302 -30.16 -12.79 -0.64
C ASP A 302 -31.04 -12.47 -1.85
N LYS A 303 -31.71 -11.32 -1.82
CA LYS A 303 -32.53 -10.93 -2.97
C LYS A 303 -31.68 -10.60 -4.19
N VAL A 304 -30.45 -10.14 -3.96
CA VAL A 304 -29.55 -9.93 -5.09
C VAL A 304 -29.11 -11.29 -5.63
N LEU A 305 -28.81 -12.20 -4.71
CA LEU A 305 -28.33 -13.52 -5.06
C LEU A 305 -29.43 -14.28 -5.80
N LEU A 306 -30.68 -13.97 -5.49
CA LEU A 306 -31.83 -14.57 -6.16
C LEU A 306 -32.01 -14.03 -7.57
N ALA A 307 -31.75 -12.74 -7.76
CA ALA A 307 -31.88 -12.11 -9.06
C ALA A 307 -30.85 -12.65 -10.04
N VAL A 308 -29.61 -12.80 -9.60
CA VAL A 308 -28.56 -13.33 -10.46
C VAL A 308 -28.31 -14.81 -10.19
N LEU B 12 19.21 -1.25 15.23
CA LEU B 12 18.07 -0.95 14.35
C LEU B 12 17.00 -2.03 14.49
N PRO B 13 15.73 -1.63 14.47
CA PRO B 13 14.63 -2.59 14.62
C PRO B 13 14.56 -3.56 13.46
N LEU B 14 14.25 -4.82 13.76
CA LEU B 14 14.03 -5.82 12.72
C LEU B 14 12.60 -5.77 12.20
N ASP B 15 12.44 -5.41 10.93
CA ASP B 15 11.14 -5.38 10.29
C ASP B 15 11.04 -6.49 9.24
N PRO B 16 10.41 -7.61 9.59
CA PRO B 16 10.38 -8.80 8.71
C PRO B 16 9.67 -8.55 7.40
N LEU B 17 8.79 -7.56 7.37
CA LEU B 17 8.11 -7.19 6.13
C LEU B 17 9.13 -6.70 5.10
N TRP B 18 10.21 -6.11 5.59
CA TRP B 18 11.19 -5.46 4.72
C TRP B 18 12.60 -6.09 4.73
N GLU B 19 12.99 -6.74 5.83
CA GLU B 19 14.36 -7.22 5.97
C GLU B 19 14.71 -8.29 4.92
N PHE B 20 15.86 -8.12 4.30
CA PHE B 20 16.35 -9.00 3.23
C PHE B 20 17.77 -9.47 3.57
N PRO B 21 18.08 -10.77 3.38
CA PRO B 21 19.42 -11.25 3.73
C PRO B 21 20.50 -10.58 2.89
N ARG B 22 21.52 -10.02 3.54
CA ARG B 22 22.53 -9.26 2.80
C ARG B 22 23.38 -10.18 1.94
N ASP B 23 23.45 -11.45 2.31
CA ASP B 23 24.22 -12.43 1.53
C ASP B 23 23.52 -12.83 0.24
N ARG B 24 22.31 -12.33 0.04
CA ARG B 24 21.59 -12.52 -1.22
C ARG B 24 21.81 -11.36 -2.19
N LEU B 25 22.66 -10.42 -1.79
CA LEU B 25 23.05 -9.32 -2.67
C LEU B 25 24.45 -9.50 -3.19
N VAL B 26 24.66 -9.12 -4.44
CA VAL B 26 26.01 -9.03 -4.99
C VAL B 26 26.21 -7.61 -5.51
N LEU B 27 27.04 -6.83 -4.84
CA LEU B 27 27.19 -5.41 -5.20
C LEU B 27 28.01 -5.24 -6.48
N GLY B 28 27.57 -4.32 -7.32
CA GLY B 28 28.20 -4.08 -8.61
C GLY B 28 28.31 -2.56 -8.71
N LYS B 29 28.27 -2.05 -9.93
CA LYS B 29 28.80 -0.74 -10.31
C LYS B 29 28.16 0.42 -9.53
N PRO B 30 29.00 1.36 -9.08
CA PRO B 30 28.42 2.56 -8.43
C PRO B 30 27.63 3.42 -9.42
N LEU B 31 26.61 4.10 -8.94
CA LEU B 31 25.72 4.88 -9.80
C LEU B 31 25.56 6.28 -9.23
N GLY B 32 26.58 6.77 -8.53
CA GLY B 32 26.60 8.14 -8.04
C GLY B 32 26.41 8.36 -6.55
N GLU B 33 27.16 9.31 -5.99
CA GLU B 33 27.38 9.40 -4.54
C GLU B 33 27.16 10.80 -3.97
N GLY B 34 26.54 11.70 -4.73
CA GLY B 34 26.30 13.05 -4.27
C GLY B 34 25.31 13.13 -3.10
N CYS B 35 24.91 11.98 -2.57
CA CYS B 35 23.90 11.88 -1.53
C CYS B 35 24.52 11.88 -0.15
N PHE B 36 23.71 11.59 0.86
CA PHE B 36 24.20 11.42 2.22
C PHE B 36 24.88 10.06 2.30
N GLY B 37 24.69 9.27 1.26
CA GLY B 37 25.32 7.97 1.16
C GLY B 37 25.60 7.75 -0.31
N GLN B 38 25.64 6.48 -0.70
CA GLN B 38 26.20 6.02 -1.97
C GLN B 38 25.27 5.00 -2.58
N VAL B 39 25.00 5.13 -3.87
CA VAL B 39 24.11 4.20 -4.55
C VAL B 39 24.86 3.28 -5.50
N VAL B 40 24.56 2.00 -5.40
CA VAL B 40 25.28 0.99 -6.16
C VAL B 40 24.28 0.06 -6.85
N ARG B 41 24.56 -0.29 -8.10
CA ARG B 41 23.78 -1.30 -8.79
C ARG B 41 24.12 -2.66 -8.17
N ALA B 42 23.14 -3.55 -8.05
CA ALA B 42 23.41 -4.86 -7.47
C ALA B 42 22.57 -5.95 -8.07
N GLU B 43 23.00 -7.19 -7.86
CA GLU B 43 22.20 -8.36 -8.19
C GLU B 43 21.57 -8.89 -6.91
N ALA B 44 20.28 -9.21 -6.95
CA ALA B 44 19.64 -9.78 -5.78
C ALA B 44 19.01 -11.12 -6.11
N PHE B 45 19.22 -12.12 -5.25
CA PHE B 45 18.69 -13.45 -5.49
C PHE B 45 17.51 -13.71 -4.56
N GLY B 46 16.37 -14.05 -5.16
CA GLY B 46 15.19 -14.39 -4.41
C GLY B 46 14.49 -13.18 -3.80
N MET B 47 14.61 -12.03 -4.43
CA MET B 47 13.86 -10.85 -4.00
C MET B 47 12.37 -11.23 -3.93
N ASP B 48 11.93 -12.04 -4.90
CA ASP B 48 10.66 -12.74 -4.81
C ASP B 48 10.87 -14.10 -4.17
N PRO B 49 10.31 -14.29 -2.96
CA PRO B 49 10.53 -15.52 -2.18
C PRO B 49 10.00 -16.78 -2.87
N ALA B 50 9.13 -16.59 -3.86
CA ALA B 50 8.60 -17.71 -4.63
C ALA B 50 9.65 -18.26 -5.60
N ARG B 51 10.64 -17.42 -5.93
CA ARG B 51 11.72 -17.83 -6.81
C ARG B 51 12.95 -17.44 -6.01
N PRO B 52 13.42 -18.35 -5.13
CA PRO B 52 14.52 -18.03 -4.23
C PRO B 52 15.89 -17.95 -4.89
N ASP B 53 16.09 -18.60 -6.04
CA ASP B 53 17.40 -18.58 -6.70
C ASP B 53 17.38 -17.67 -7.93
N GLN B 54 16.33 -16.88 -8.09
CA GLN B 54 16.16 -16.03 -9.26
C GLN B 54 16.83 -14.66 -9.09
N ALA B 55 17.60 -14.27 -10.12
CA ALA B 55 18.34 -13.02 -10.10
C ALA B 55 17.50 -11.84 -10.58
N SER B 56 17.67 -10.71 -9.91
CA SER B 56 17.11 -9.46 -10.40
C SER B 56 18.11 -8.34 -10.15
N THR B 57 17.98 -7.26 -10.92
CA THR B 57 18.88 -6.12 -10.77
C THR B 57 18.18 -5.06 -9.94
N VAL B 58 18.83 -4.65 -8.86
CA VAL B 58 18.29 -3.61 -7.99
C VAL B 58 19.31 -2.52 -7.78
N ALA B 59 18.88 -1.47 -7.08
CA ALA B 59 19.78 -0.40 -6.66
C ALA B 59 19.85 -0.42 -5.14
N VAL B 60 21.04 -0.22 -4.60
CA VAL B 60 21.25 -0.26 -3.16
C VAL B 60 21.91 1.02 -2.69
N LYS B 61 21.28 1.68 -1.72
CA LYS B 61 21.86 2.87 -1.14
C LYS B 61 22.52 2.54 0.19
N MET B 62 23.70 3.11 0.43
CA MET B 62 24.48 2.82 1.64
C MET B 62 25.27 4.06 2.07
N LEU B 63 25.74 4.06 3.31
CA LEU B 63 26.62 5.12 3.79
C LEU B 63 27.96 5.01 3.08
N LYS B 64 28.67 6.12 2.97
CA LYS B 64 30.03 6.05 2.43
C LYS B 64 31.01 5.65 3.53
N ASP B 65 32.21 5.24 3.11
CA ASP B 65 33.20 4.61 3.99
C ASP B 65 33.49 5.40 5.26
N ASN B 66 33.48 6.72 5.16
CA ASN B 66 33.68 7.57 6.32
C ASN B 66 32.48 8.41 6.73
N ALA B 67 31.28 7.88 6.48
CA ALA B 67 30.04 8.54 6.85
C ALA B 67 29.98 8.91 8.33
N SER B 68 29.25 9.97 8.65
CA SER B 68 29.31 10.57 9.97
C SER B 68 28.12 10.32 10.86
N ASP B 69 27.98 11.22 11.81
CA ASP B 69 26.91 11.23 12.79
C ASP B 69 25.53 11.25 12.14
N LYS B 70 25.24 12.30 11.39
CA LYS B 70 23.91 12.51 10.87
C LYS B 70 23.72 11.88 9.49
N ASP B 71 24.81 11.44 8.87
CA ASP B 71 24.72 10.69 7.62
C ASP B 71 23.92 9.42 7.86
N LEU B 72 24.31 8.67 8.88
CA LEU B 72 23.61 7.45 9.27
C LEU B 72 22.17 7.76 9.64
N ALA B 73 21.97 8.83 10.40
CA ALA B 73 20.64 9.25 10.81
C ALA B 73 19.79 9.64 9.62
N ASP B 74 20.39 10.33 8.66
CA ASP B 74 19.68 10.74 7.45
C ASP B 74 19.25 9.52 6.63
N LEU B 75 20.15 8.55 6.47
CA LEU B 75 19.84 7.37 5.68
C LEU B 75 18.71 6.58 6.34
N VAL B 76 18.79 6.43 7.66
CA VAL B 76 17.74 5.76 8.41
C VAL B 76 16.39 6.47 8.21
N SER B 77 16.39 7.79 8.30
CA SER B 77 15.16 8.56 8.08
C SER B 77 14.57 8.32 6.69
N GLU B 78 15.42 8.41 5.67
CA GLU B 78 14.98 8.15 4.30
C GLU B 78 14.41 6.74 4.16
N MET B 79 15.01 5.78 4.85
CA MET B 79 14.50 4.40 4.83
C MET B 79 13.11 4.31 5.42
N GLU B 80 12.89 4.98 6.56
CA GLU B 80 11.60 4.92 7.22
C GLU B 80 10.52 5.60 6.36
N VAL B 81 10.88 6.70 5.70
CA VAL B 81 9.93 7.38 4.80
C VAL B 81 9.49 6.43 3.68
N MET B 82 10.43 5.76 3.05
CA MET B 82 10.10 4.82 1.98
C MET B 82 9.29 3.62 2.47
N LYS B 83 9.51 3.23 3.72
CA LYS B 83 8.69 2.12 4.25
C LYS B 83 7.23 2.56 4.33
N LEU B 84 6.99 3.85 4.58
CA LEU B 84 5.65 4.34 4.86
C LEU B 84 4.98 4.93 3.64
N ILE B 85 5.77 5.31 2.65
CA ILE B 85 5.26 5.99 1.46
C ILE B 85 4.32 5.07 0.69
N GLY B 86 4.59 3.77 0.73
CA GLY B 86 3.76 2.82 0.02
C GLY B 86 4.15 2.71 -1.44
N ARG B 87 3.52 1.82 -2.18
CA ARG B 87 3.94 1.53 -3.54
C ARG B 87 3.16 2.34 -4.59
N HIS B 88 3.84 2.80 -5.63
CA HIS B 88 3.19 3.39 -6.79
C HIS B 88 4.03 3.17 -8.04
N LYS B 89 3.34 2.97 -9.16
CA LYS B 89 4.01 2.71 -10.44
C LYS B 89 5.00 3.80 -10.82
N ASN B 90 4.65 5.04 -10.48
CA ASN B 90 5.44 6.17 -10.96
C ASN B 90 6.34 6.78 -9.89
N ILE B 91 6.73 5.98 -8.90
CA ILE B 91 7.81 6.38 -8.00
C ILE B 91 8.84 5.26 -7.87
N ILE B 92 10.04 5.59 -7.40
CA ILE B 92 11.03 4.56 -7.09
C ILE B 92 10.58 3.86 -5.81
N ASN B 93 10.32 2.56 -5.88
CA ASN B 93 9.78 1.83 -4.74
C ASN B 93 10.84 1.11 -3.92
N LEU B 94 10.59 1.01 -2.61
CA LEU B 94 11.45 0.26 -1.71
C LEU B 94 11.20 -1.23 -1.92
N LEU B 95 12.27 -2.02 -1.98
CA LEU B 95 12.13 -3.47 -2.19
C LEU B 95 12.50 -4.24 -0.91
N GLY B 96 13.54 -3.78 -0.22
CA GLY B 96 13.93 -4.39 1.03
C GLY B 96 15.01 -3.56 1.72
N VAL B 97 15.43 -4.02 2.90
CA VAL B 97 16.46 -3.34 3.67
C VAL B 97 17.40 -4.36 4.29
N CYS B 98 18.64 -3.97 4.55
CA CYS B 98 19.55 -4.80 5.33
C CYS B 98 19.97 -4.00 6.54
N THR B 99 19.42 -4.33 7.70
CA THR B 99 19.65 -3.55 8.91
C THR B 99 20.38 -4.32 10.00
N GLN B 100 20.49 -5.64 9.85
CA GLN B 100 21.02 -6.50 10.91
C GLN B 100 22.38 -7.08 10.56
N GLU B 101 23.29 -7.07 11.53
CA GLU B 101 24.59 -7.72 11.42
C GLU B 101 25.41 -7.28 10.21
N GLY B 102 25.65 -5.97 10.11
CA GLY B 102 26.44 -5.43 9.01
C GLY B 102 25.96 -4.04 8.61
N PRO B 103 26.56 -3.48 7.56
CA PRO B 103 26.21 -2.11 7.19
C PRO B 103 24.76 -1.96 6.70
N LEU B 104 24.21 -0.77 6.91
CA LEU B 104 22.83 -0.49 6.53
C LEU B 104 22.71 -0.37 5.02
N TYR B 105 21.84 -1.20 4.44
CA TYR B 105 21.53 -1.14 3.02
C TYR B 105 20.07 -0.82 2.83
N VAL B 106 19.78 0.04 1.87
CA VAL B 106 18.40 0.33 1.48
C VAL B 106 18.25 -0.06 0.02
N ILE B 107 17.37 -1.02 -0.25
CA ILE B 107 17.29 -1.64 -1.57
C ILE B 107 16.06 -1.19 -2.32
N VAL B 108 16.27 -0.63 -3.50
CA VAL B 108 15.14 -0.06 -4.26
C VAL B 108 15.20 -0.51 -5.71
N GLU B 109 14.14 -0.21 -6.45
CA GLU B 109 14.08 -0.50 -7.88
C GLU B 109 15.21 0.17 -8.64
N CYS B 110 15.68 -0.51 -9.67
CA CYS B 110 16.70 0.02 -10.57
C CYS B 110 16.06 0.32 -11.91
N ALA B 111 16.14 1.60 -12.32
CA ALA B 111 15.57 2.04 -13.58
C ALA B 111 16.66 1.99 -14.65
N ALA B 112 16.40 1.20 -15.68
CA ALA B 112 17.43 0.80 -16.63
C ALA B 112 17.98 1.93 -17.45
N LYS B 113 17.16 2.94 -17.72
CA LYS B 113 17.57 3.98 -18.67
C LYS B 113 18.12 5.26 -18.02
N GLY B 114 18.19 5.30 -16.69
CA GLY B 114 18.80 6.43 -16.01
C GLY B 114 17.82 7.57 -15.87
N ASN B 115 18.31 8.79 -15.65
CA ASN B 115 17.40 9.91 -15.39
C ASN B 115 16.80 10.55 -16.65
N LEU B 116 15.64 11.18 -16.46
CA LEU B 116 14.84 11.70 -17.58
C LEU B 116 15.58 12.77 -18.36
N ARG B 117 16.37 13.57 -17.67
CA ARG B 117 17.09 14.63 -18.37
C ARG B 117 18.08 14.07 -19.39
N GLU B 118 18.90 13.11 -18.98
CA GLU B 118 19.87 12.52 -19.90
C GLU B 118 19.16 11.69 -20.97
N PHE B 119 18.06 11.05 -20.59
CA PHE B 119 17.24 10.28 -21.52
C PHE B 119 16.73 11.17 -22.65
N LEU B 120 16.25 12.37 -22.32
CA LEU B 120 15.77 13.30 -23.33
C LEU B 120 16.92 13.83 -24.20
N ARG B 121 18.02 14.24 -23.55
CA ARG B 121 19.12 14.87 -24.28
C ARG B 121 19.78 13.92 -25.26
N ALA B 122 19.81 12.63 -24.91
CA ALA B 122 20.43 11.63 -25.76
C ALA B 122 19.52 11.23 -26.93
N ARG B 123 18.28 11.70 -26.89
CA ARG B 123 17.28 11.31 -27.89
C ARG B 123 16.75 12.47 -28.73
N ARG B 124 17.52 13.54 -28.83
CA ARG B 124 17.11 14.68 -29.63
C ARG B 124 17.17 14.32 -31.12
N PRO B 125 16.26 14.91 -31.93
CA PRO B 125 16.18 14.55 -33.35
C PRO B 125 17.46 14.91 -34.12
N PRO B 126 17.71 14.23 -35.25
CA PRO B 126 18.87 14.53 -36.09
C PRO B 126 18.79 15.91 -36.74
N SER B 131 22.31 13.51 -43.61
CA SER B 131 22.38 12.65 -44.78
C SER B 131 21.57 11.37 -44.55
N PRO B 132 20.49 11.19 -45.33
CA PRO B 132 19.49 10.15 -45.08
C PRO B 132 19.89 8.74 -45.51
N ASP B 133 19.91 7.81 -44.55
CA ASP B 133 19.99 6.40 -44.87
C ASP B 133 18.67 5.76 -44.42
N GLY B 134 17.83 5.41 -45.39
CA GLY B 134 16.53 4.83 -45.10
C GLY B 134 15.43 5.88 -45.08
N PRO B 135 14.18 5.43 -44.93
CA PRO B 135 13.01 6.32 -44.90
C PRO B 135 12.64 6.83 -43.51
N ARG B 136 13.55 6.72 -42.54
CA ARG B 136 13.22 7.08 -41.15
C ARG B 136 14.23 7.94 -40.41
N SER B 137 15.41 8.18 -40.97
CA SER B 137 16.41 8.90 -40.19
C SER B 137 16.20 10.41 -40.19
N SER B 138 15.00 10.84 -40.57
CA SER B 138 14.54 12.19 -40.32
C SER B 138 13.62 12.15 -39.09
N GLU B 139 13.28 10.93 -38.70
CA GLU B 139 12.37 10.69 -37.59
C GLU B 139 13.17 10.43 -36.32
N GLY B 140 13.01 11.32 -35.34
CA GLY B 140 13.71 11.17 -34.08
C GLY B 140 13.03 10.15 -33.19
N PRO B 141 13.76 9.63 -32.19
CA PRO B 141 13.23 8.61 -31.26
C PRO B 141 12.04 9.10 -30.47
N LEU B 142 11.94 10.41 -30.24
CA LEU B 142 10.88 10.94 -29.39
C LEU B 142 9.74 11.54 -30.20
N SER B 143 8.52 11.14 -29.86
CA SER B 143 7.33 11.65 -30.51
C SER B 143 6.52 12.46 -29.50
N PHE B 144 5.68 13.37 -29.99
CA PHE B 144 4.87 14.19 -29.08
C PHE B 144 4.06 13.33 -28.08
N PRO B 145 3.35 12.28 -28.55
CA PRO B 145 2.56 11.52 -27.55
C PRO B 145 3.39 10.79 -26.49
N VAL B 146 4.65 10.50 -26.78
CA VAL B 146 5.50 9.89 -25.76
C VAL B 146 6.01 10.95 -24.77
N LEU B 147 6.31 12.15 -25.27
CA LEU B 147 6.63 13.28 -24.39
C LEU B 147 5.48 13.62 -23.44
N VAL B 148 4.26 13.64 -23.97
CA VAL B 148 3.12 13.93 -23.11
C VAL B 148 2.89 12.79 -22.11
N SER B 149 3.16 11.55 -22.52
CA SER B 149 3.06 10.44 -21.57
C SER B 149 4.06 10.60 -20.42
N CYS B 150 5.27 11.05 -20.72
CA CYS B 150 6.27 11.28 -19.68
C CYS B 150 5.78 12.29 -18.65
N ALA B 151 5.22 13.39 -19.13
CA ALA B 151 4.66 14.41 -18.25
C ALA B 151 3.48 13.88 -17.46
N TYR B 152 2.59 13.15 -18.14
CA TYR B 152 1.42 12.57 -17.49
C TYR B 152 1.83 11.65 -16.33
N GLN B 153 2.80 10.77 -16.59
CA GLN B 153 3.28 9.85 -15.57
C GLN B 153 3.88 10.55 -14.36
N VAL B 154 4.66 11.60 -14.60
CA VAL B 154 5.24 12.35 -13.48
C VAL B 154 4.13 13.01 -12.65
N ALA B 155 3.10 13.55 -13.30
CA ALA B 155 1.96 14.12 -12.59
C ALA B 155 1.19 13.06 -11.78
N ARG B 156 1.07 11.84 -12.31
CA ARG B 156 0.43 10.76 -11.56
C ARG B 156 1.23 10.40 -10.32
N GLY B 157 2.55 10.34 -10.48
CA GLY B 157 3.45 10.06 -9.36
C GLY B 157 3.36 11.15 -8.30
N MET B 158 3.37 12.41 -8.74
CA MET B 158 3.29 13.52 -7.79
C MET B 158 1.95 13.54 -7.09
N GLN B 159 0.90 13.19 -7.82
CA GLN B 159 -0.44 13.10 -7.24
C GLN B 159 -0.46 12.09 -6.10
N TYR B 160 0.18 10.94 -6.32
CA TYR B 160 0.29 9.93 -5.27
C TYR B 160 1.10 10.46 -4.11
N LEU B 161 2.27 11.04 -4.40
CA LEU B 161 3.13 11.55 -3.33
C LEU B 161 2.37 12.59 -2.50
N GLU B 162 1.61 13.46 -3.16
CA GLU B 162 0.82 14.45 -2.45
C GLU B 162 -0.20 13.81 -1.51
N SER B 163 -0.86 12.74 -1.98
CA SER B 163 -1.87 12.07 -1.16
C SER B 163 -1.22 11.43 0.07
N ARG B 164 0.09 11.17 -0.02
CA ARG B 164 0.84 10.61 1.10
C ARG B 164 1.46 11.72 1.96
N LYS B 165 1.04 12.96 1.70
CA LYS B 165 1.50 14.11 2.48
C LYS B 165 3.01 14.28 2.36
N CYS B 166 3.54 13.94 1.19
CA CYS B 166 4.96 14.11 0.92
C CYS B 166 5.19 15.25 -0.06
N ILE B 167 5.91 16.27 0.39
CA ILE B 167 6.34 17.36 -0.48
C ILE B 167 7.72 17.01 -1.00
N HIS B 168 7.92 17.06 -2.31
CA HIS B 168 9.20 16.65 -2.89
C HIS B 168 10.30 17.68 -2.61
N ARG B 169 10.00 18.94 -2.94
CA ARG B 169 10.85 20.11 -2.70
C ARG B 169 12.01 20.28 -3.70
N ASP B 170 12.25 19.29 -4.55
CA ASP B 170 13.24 19.44 -5.62
C ASP B 170 12.92 19.05 -7.07
N LEU B 171 11.64 18.79 -7.31
CA LEU B 171 11.16 18.08 -8.48
C LEU B 171 11.79 18.66 -9.75
N ALA B 172 12.54 17.82 -10.46
CA ALA B 172 13.28 18.24 -11.65
C ALA B 172 13.50 16.98 -12.50
N ALA B 173 13.75 17.14 -13.80
CA ALA B 173 13.93 16.00 -14.69
C ALA B 173 15.07 15.08 -14.20
N ARG B 174 16.08 15.66 -13.56
CA ARG B 174 17.19 14.89 -13.00
C ARG B 174 16.71 13.93 -11.91
N ASN B 175 15.58 14.24 -11.28
CA ASN B 175 15.04 13.42 -10.19
C ASN B 175 13.88 12.54 -10.62
N VAL B 176 13.79 12.29 -11.91
CA VAL B 176 12.84 11.33 -12.44
C VAL B 176 13.65 10.25 -13.17
N LEU B 177 13.38 8.98 -12.85
CA LEU B 177 14.13 7.89 -13.47
C LEU B 177 13.27 7.13 -14.50
N VAL B 178 13.91 6.55 -15.51
CA VAL B 178 13.19 5.95 -16.65
C VAL B 178 13.48 4.44 -16.78
N THR B 179 12.45 3.61 -16.72
CA THR B 179 12.62 2.16 -16.80
C THR B 179 12.83 1.66 -18.22
N GLU B 180 13.09 0.36 -18.35
CA GLU B 180 13.27 -0.29 -19.64
C GLU B 180 12.05 -0.06 -20.54
N ASP B 181 10.87 0.01 -19.92
CA ASP B 181 9.61 0.18 -20.63
C ASP B 181 9.16 1.64 -20.64
N ASN B 182 10.10 2.55 -20.41
CA ASN B 182 9.83 3.99 -20.43
C ASN B 182 8.75 4.43 -19.43
N VAL B 183 8.72 3.77 -18.28
CA VAL B 183 7.87 4.18 -17.18
C VAL B 183 8.62 5.25 -16.38
N MET B 184 7.95 6.35 -16.08
CA MET B 184 8.56 7.42 -15.27
C MET B 184 8.49 7.09 -13.78
N LYS B 185 9.62 7.19 -13.08
CA LYS B 185 9.66 6.96 -11.64
C LYS B 185 10.34 8.10 -10.87
N ILE B 186 9.55 8.81 -10.10
CA ILE B 186 10.03 9.91 -9.31
C ILE B 186 11.00 9.40 -8.24
N ALA B 187 12.15 10.06 -8.11
CA ALA B 187 13.14 9.66 -7.12
C ALA B 187 13.47 10.78 -6.15
N ASP B 188 14.21 10.43 -5.11
CA ASP B 188 14.75 11.37 -4.14
C ASP B 188 13.70 12.24 -3.48
N PHE B 189 12.55 11.63 -3.19
CA PHE B 189 11.46 12.31 -2.48
C PHE B 189 11.55 12.16 -0.96
N GLY B 190 12.39 11.26 -0.47
CA GLY B 190 12.48 11.01 0.96
C GLY B 190 13.74 11.58 1.60
N LEU B 191 14.37 12.53 0.92
CA LEU B 191 15.62 13.15 1.38
C LEU B 191 15.41 14.29 2.36
N ALA B 192 16.24 14.33 3.39
CA ALA B 192 16.31 15.48 4.30
C ALA B 192 17.13 16.58 3.63
N ARG B 193 16.46 17.47 2.93
CA ARG B 193 17.14 18.47 2.15
C ARG B 193 17.85 19.59 2.87
N GLY B 194 17.39 19.98 4.02
CA GLY B 194 18.01 21.08 4.74
C GLY B 194 17.72 22.51 4.34
N VAL B 195 16.47 22.77 4.00
CA VAL B 195 16.01 23.89 3.19
C VAL B 195 16.34 25.25 3.80
N HIS B 196 17.04 25.26 4.93
CA HIS B 196 17.39 26.52 5.56
C HIS B 196 18.86 26.87 5.36
N HIS B 197 19.51 26.08 4.52
CA HIS B 197 20.94 26.29 4.22
C HIS B 197 21.26 25.95 2.77
N ILE B 198 20.43 26.46 1.88
CA ILE B 198 20.69 26.24 0.47
C ILE B 198 21.62 27.33 -0.09
N ASP B 199 22.77 26.93 -0.61
CA ASP B 199 23.64 27.84 -1.35
C ASP B 199 23.09 28.01 -2.77
N TYR B 200 22.37 29.10 -3.03
CA TYR B 200 21.66 29.28 -4.31
C TYR B 200 22.60 29.38 -5.51
N TYR B 201 23.85 29.76 -5.27
CA TYR B 201 24.84 29.92 -6.34
C TYR B 201 25.65 28.64 -6.64
N LYS B 202 25.49 27.61 -5.82
CA LYS B 202 26.37 26.45 -5.95
C LYS B 202 25.75 25.33 -6.80
N LYS B 203 26.43 24.96 -7.87
CA LYS B 203 26.05 23.81 -8.70
C LYS B 203 26.22 22.49 -7.95
N THR B 204 25.28 21.56 -8.13
CA THR B 204 25.42 20.21 -7.59
C THR B 204 26.65 19.55 -8.19
N SER B 205 27.02 18.38 -7.65
CA SER B 205 28.10 17.57 -8.21
C SER B 205 27.84 17.20 -9.67
N ASN B 206 26.59 17.21 -10.09
CA ASN B 206 26.24 16.89 -11.46
C ASN B 206 25.96 18.12 -12.30
N GLY B 207 26.31 19.30 -11.78
CA GLY B 207 26.28 20.51 -12.56
C GLY B 207 24.96 21.26 -12.63
N ARG B 208 24.01 20.87 -11.79
CA ARG B 208 22.69 21.53 -11.82
C ARG B 208 22.58 22.65 -10.79
N LEU B 209 21.76 23.64 -11.09
CA LEU B 209 21.43 24.71 -10.16
C LEU B 209 19.98 24.64 -9.69
N PRO B 210 19.74 23.95 -8.57
CA PRO B 210 18.39 23.65 -8.08
C PRO B 210 17.51 24.88 -7.79
N VAL B 211 18.11 26.05 -7.61
CA VAL B 211 17.32 27.26 -7.38
C VAL B 211 16.37 27.52 -8.55
N LYS B 212 16.74 27.06 -9.73
CA LYS B 212 15.91 27.23 -10.96
C LYS B 212 14.58 26.46 -10.91
N TRP B 213 14.43 25.52 -9.98
CA TRP B 213 13.19 24.76 -9.86
C TRP B 213 12.36 25.21 -8.66
N MET B 214 12.88 26.17 -7.89
CA MET B 214 12.21 26.62 -6.66
C MET B 214 11.10 27.63 -6.89
N ALA B 215 9.92 27.35 -6.35
CA ALA B 215 8.81 28.31 -6.38
C ALA B 215 9.19 29.57 -5.61
N PRO B 216 8.64 30.72 -6.01
CA PRO B 216 8.94 31.99 -5.34
C PRO B 216 8.74 31.95 -3.82
N GLU B 217 7.65 31.36 -3.35
CA GLU B 217 7.38 31.32 -1.91
C GLU B 217 8.44 30.51 -1.17
N ALA B 218 8.97 29.48 -1.82
CA ALA B 218 10.05 28.69 -1.23
C ALA B 218 11.37 29.45 -1.24
N LEU B 219 11.67 30.09 -2.37
CA LEU B 219 12.91 30.84 -2.52
C LEU B 219 12.93 32.08 -1.62
N PHE B 220 11.89 32.92 -1.72
CA PHE B 220 11.89 34.17 -0.98
C PHE B 220 11.42 34.02 0.47
N ASP B 221 10.51 33.08 0.73
CA ASP B 221 9.89 32.99 2.07
C ASP B 221 10.14 31.66 2.78
N GLU B 222 10.94 30.81 2.17
CA GLU B 222 11.28 29.48 2.72
C GLU B 222 10.04 28.65 3.05
N VAL B 223 8.98 28.84 2.28
CA VAL B 223 7.70 28.15 2.50
C VAL B 223 7.46 27.09 1.44
N TYR B 224 7.25 25.85 1.87
CA TYR B 224 6.98 24.74 0.95
C TYR B 224 5.59 24.15 1.18
N THR B 225 4.85 23.98 0.10
CA THR B 225 3.58 23.26 0.12
C THR B 225 3.53 22.38 -1.10
N HIS B 226 2.43 21.64 -1.26
CA HIS B 226 2.30 20.82 -2.46
C HIS B 226 2.24 21.70 -3.69
N GLN B 227 1.72 22.91 -3.53
CA GLN B 227 1.65 23.85 -4.64
C GLN B 227 3.03 24.35 -5.05
N SER B 228 4.01 24.26 -4.14
CA SER B 228 5.39 24.60 -4.45
C SER B 228 5.95 23.60 -5.44
N ASP B 229 5.54 22.36 -5.26
CA ASP B 229 5.94 21.30 -6.17
C ASP B 229 5.27 21.48 -7.55
N VAL B 230 4.06 22.02 -7.57
CA VAL B 230 3.37 22.25 -8.87
C VAL B 230 4.17 23.25 -9.69
N TRP B 231 4.71 24.29 -9.04
CA TRP B 231 5.59 25.22 -9.72
C TRP B 231 6.76 24.48 -10.36
N SER B 232 7.37 23.60 -9.57
CA SER B 232 8.51 22.82 -10.03
C SER B 232 8.13 21.93 -11.22
N PHE B 233 6.95 21.34 -11.14
CA PHE B 233 6.42 20.54 -12.23
C PHE B 233 6.35 21.31 -13.55
N GLY B 234 5.94 22.58 -13.50
CA GLY B 234 5.90 23.38 -14.71
C GLY B 234 7.28 23.59 -15.28
N ILE B 235 8.28 23.76 -14.41
CA ILE B 235 9.68 23.81 -14.87
C ILE B 235 10.03 22.49 -15.53
N LEU B 236 9.59 21.38 -14.93
CA LEU B 236 9.88 20.04 -15.47
C LEU B 236 9.21 19.88 -16.84
N LEU B 237 7.99 20.39 -16.97
CA LEU B 237 7.30 20.37 -18.26
C LEU B 237 8.14 21.06 -19.32
N TRP B 238 8.70 22.20 -18.94
CA TRP B 238 9.54 22.97 -19.85
C TRP B 238 10.79 22.14 -20.24
N GLU B 239 11.36 21.42 -19.28
CA GLU B 239 12.49 20.52 -19.56
C GLU B 239 12.10 19.45 -20.59
N ILE B 240 10.97 18.81 -20.34
CA ILE B 240 10.50 17.76 -21.27
C ILE B 240 10.35 18.29 -22.71
N PHE B 241 9.70 19.44 -22.88
CA PHE B 241 9.39 19.85 -24.25
C PHE B 241 10.50 20.68 -24.90
N THR B 242 11.60 20.88 -24.17
CA THR B 242 12.85 21.35 -24.78
C THR B 242 13.84 20.17 -24.91
N LEU B 243 13.33 18.96 -24.69
CA LEU B 243 14.14 17.73 -24.69
C LEU B 243 15.38 17.84 -23.79
N GLY B 244 15.16 18.18 -22.54
CA GLY B 244 16.24 18.32 -21.58
C GLY B 244 17.03 19.62 -21.59
N GLY B 245 16.38 20.74 -21.91
CA GLY B 245 17.04 22.04 -21.87
C GLY B 245 17.28 22.56 -20.46
N SER B 246 18.20 23.51 -20.33
CA SER B 246 18.48 24.17 -19.04
C SER B 246 17.57 25.36 -18.82
N PRO B 247 16.79 25.34 -17.73
CA PRO B 247 15.83 26.43 -17.47
C PRO B 247 16.50 27.80 -17.36
N TYR B 248 15.75 28.83 -17.74
CA TYR B 248 16.23 30.21 -17.75
C TYR B 248 17.57 30.36 -18.50
N PRO B 249 17.58 29.97 -19.79
CA PRO B 249 18.80 30.00 -20.59
C PRO B 249 19.46 31.37 -20.66
N GLY B 250 20.77 31.42 -20.40
CA GLY B 250 21.49 32.68 -20.44
C GLY B 250 21.45 33.50 -19.17
N ILE B 251 20.71 33.03 -18.17
CA ILE B 251 20.51 33.81 -16.96
C ILE B 251 21.31 33.30 -15.75
N PRO B 252 22.32 34.05 -15.32
CA PRO B 252 23.00 33.67 -14.08
C PRO B 252 22.11 33.89 -12.86
N VAL B 253 22.37 33.15 -11.80
CA VAL B 253 21.52 33.15 -10.62
C VAL B 253 21.28 34.55 -10.04
N GLU B 254 22.29 35.40 -10.07
CA GLU B 254 22.14 36.77 -9.55
C GLU B 254 20.97 37.47 -10.26
N GLU B 255 20.92 37.33 -11.58
CA GLU B 255 19.87 37.99 -12.34
C GLU B 255 18.52 37.28 -12.25
N LEU B 256 18.53 35.97 -12.02
CA LEU B 256 17.29 35.24 -11.80
C LEU B 256 16.50 35.78 -10.60
N PHE B 257 17.20 36.18 -9.54
CA PHE B 257 16.55 36.75 -8.37
C PHE B 257 15.68 37.94 -8.75
N SER B 258 16.27 38.89 -9.46
CA SER B 258 15.57 40.14 -9.80
C SER B 258 14.49 39.90 -10.83
N LEU B 259 14.74 39.01 -11.78
CA LEU B 259 13.75 38.67 -12.80
C LEU B 259 12.51 38.04 -12.16
N LEU B 260 12.71 37.13 -11.23
CA LEU B 260 11.58 36.56 -10.51
C LEU B 260 10.83 37.64 -9.71
N ARG B 261 11.56 38.57 -9.09
CA ARG B 261 10.89 39.65 -8.34
C ARG B 261 10.04 40.54 -9.26
N GLU B 262 10.46 40.66 -10.52
CA GLU B 262 9.74 41.45 -11.52
C GLU B 262 8.64 40.66 -12.24
N GLY B 263 8.49 39.39 -11.86
CA GLY B 263 7.45 38.55 -12.43
C GLY B 263 7.75 37.93 -13.79
N HIS B 264 9.00 37.98 -14.22
CA HIS B 264 9.41 37.34 -15.46
C HIS B 264 9.25 35.82 -15.38
N ARG B 265 8.88 35.21 -16.51
CA ARG B 265 8.75 33.75 -16.66
C ARG B 265 9.44 33.34 -17.96
N MET B 266 9.75 32.05 -18.10
CA MET B 266 10.35 31.57 -19.34
C MET B 266 9.43 31.75 -20.54
N ASP B 267 10.03 32.02 -21.70
CA ASP B 267 9.34 32.06 -22.98
C ASP B 267 8.85 30.70 -23.40
N ARG B 268 7.88 30.70 -24.28
CA ARG B 268 7.44 29.47 -24.92
C ARG B 268 8.57 28.91 -25.76
N PRO B 269 8.88 27.62 -25.57
CA PRO B 269 9.97 27.00 -26.33
C PRO B 269 9.52 26.66 -27.74
N PRO B 270 10.48 26.61 -28.68
CA PRO B 270 10.19 26.19 -30.05
C PRO B 270 9.58 24.79 -30.08
N HIS B 271 8.73 24.54 -31.08
CA HIS B 271 8.11 23.24 -31.29
C HIS B 271 7.37 22.75 -30.06
N CYS B 272 6.69 23.66 -29.38
CA CYS B 272 5.90 23.32 -28.20
C CYS B 272 4.47 23.82 -28.40
N PRO B 273 3.49 22.93 -28.33
CA PRO B 273 2.09 23.36 -28.53
C PRO B 273 1.63 24.34 -27.47
N PRO B 274 0.70 25.23 -27.84
CA PRO B 274 0.22 26.27 -26.93
C PRO B 274 -0.47 25.69 -25.70
N GLU B 275 -1.11 24.53 -25.87
CA GLU B 275 -1.74 23.82 -24.72
C GLU B 275 -0.69 23.58 -23.62
N LEU B 276 0.52 23.15 -23.97
CA LEU B 276 1.53 22.81 -22.95
C LEU B 276 2.15 24.08 -22.36
N TYR B 277 2.36 25.10 -23.17
CA TYR B 277 2.94 26.34 -22.61
C TYR B 277 1.94 26.96 -21.64
N GLY B 278 0.67 26.84 -21.99
CA GLY B 278 -0.42 27.29 -21.13
C GLY B 278 -0.38 26.61 -19.76
N LEU B 279 -0.15 25.31 -19.75
CA LEU B 279 -0.03 24.55 -18.50
C LEU B 279 1.17 25.01 -17.71
N MET B 280 2.30 25.20 -18.39
CA MET B 280 3.50 25.74 -17.75
C MET B 280 3.20 27.05 -17.06
N ARG B 281 2.55 27.96 -17.79
CA ARG B 281 2.32 29.28 -17.27
C ARG B 281 1.37 29.27 -16.08
N GLU B 282 0.39 28.37 -16.10
CA GLU B 282 -0.51 28.16 -14.97
C GLU B 282 0.25 27.66 -13.73
N CYS B 283 1.16 26.72 -13.96
CA CYS B 283 1.99 26.20 -12.87
C CYS B 283 2.86 27.28 -12.23
N TRP B 284 3.11 28.37 -12.97
CA TRP B 284 3.98 29.44 -12.50
C TRP B 284 3.22 30.71 -12.08
N HIS B 285 1.95 30.57 -11.75
CA HIS B 285 1.23 31.70 -11.18
C HIS B 285 1.87 32.09 -9.86
N ALA B 286 1.97 33.40 -9.62
CA ALA B 286 2.61 33.89 -8.41
C ALA B 286 1.91 33.36 -7.17
N ALA B 287 0.58 33.45 -7.14
CA ALA B 287 -0.16 32.91 -6.00
C ALA B 287 -0.28 31.40 -6.12
N PRO B 288 0.22 30.66 -5.12
CA PRO B 288 0.20 29.19 -5.14
C PRO B 288 -1.21 28.61 -5.26
N SER B 289 -2.19 29.30 -4.70
CA SER B 289 -3.58 28.85 -4.76
C SER B 289 -4.19 29.01 -6.15
N GLN B 290 -3.52 29.78 -7.01
CA GLN B 290 -4.01 29.97 -8.38
C GLN B 290 -3.38 28.98 -9.36
N ARG B 291 -2.37 28.24 -8.91
CA ARG B 291 -1.78 27.18 -9.71
C ARG B 291 -2.72 25.98 -9.71
N PRO B 292 -2.70 25.18 -10.77
CA PRO B 292 -3.44 23.91 -10.80
C PRO B 292 -3.01 22.98 -9.67
N THR B 293 -3.87 22.02 -9.32
CA THR B 293 -3.46 20.94 -8.42
C THR B 293 -2.91 19.82 -9.29
N PHE B 294 -2.26 18.84 -8.68
CA PHE B 294 -1.75 17.72 -9.44
C PHE B 294 -2.88 16.88 -10.04
N LYS B 295 -4.03 16.86 -9.37
CA LYS B 295 -5.20 16.17 -9.90
C LYS B 295 -5.65 16.80 -11.21
N GLN B 296 -5.71 18.14 -11.22
CA GLN B 296 -6.07 18.86 -12.42
C GLN B 296 -5.03 18.68 -13.51
N LEU B 297 -3.75 18.69 -13.13
CA LEU B 297 -2.68 18.50 -14.09
C LEU B 297 -2.77 17.09 -14.71
N VAL B 298 -3.06 16.10 -13.89
CA VAL B 298 -3.25 14.74 -14.40
C VAL B 298 -4.40 14.69 -15.42
N GLU B 299 -5.54 15.26 -15.06
CA GLU B 299 -6.70 15.28 -15.94
C GLU B 299 -6.42 16.06 -17.23
N ALA B 300 -5.74 17.20 -17.12
CA ALA B 300 -5.47 18.02 -18.30
C ALA B 300 -4.54 17.29 -19.27
N LEU B 301 -3.49 16.69 -18.72
CA LEU B 301 -2.56 15.93 -19.55
C LEU B 301 -3.21 14.67 -20.13
N ASP B 302 -4.10 14.04 -19.37
CA ASP B 302 -4.80 12.86 -19.88
C ASP B 302 -5.62 13.21 -21.13
N LYS B 303 -6.26 14.37 -21.12
CA LYS B 303 -7.07 14.82 -22.25
C LYS B 303 -6.22 15.03 -23.48
N VAL B 304 -5.01 15.51 -23.28
CA VAL B 304 -4.10 15.70 -24.41
C VAL B 304 -3.62 14.33 -24.89
N LEU B 305 -3.37 13.45 -23.94
CA LEU B 305 -2.84 12.14 -24.24
C LEU B 305 -3.87 11.33 -25.03
N LEU B 306 -5.12 11.41 -24.62
CA LEU B 306 -6.20 10.69 -25.30
C LEU B 306 -6.40 11.19 -26.72
N ALA B 307 -6.43 12.51 -26.90
CA ALA B 307 -6.60 13.10 -28.23
C ALA B 307 -5.53 12.63 -29.23
N VAL B 308 -4.31 12.43 -28.76
CA VAL B 308 -3.22 12.03 -29.65
C VAL B 308 -2.93 10.54 -29.53
#